data_7L7C
#
_entry.id   7L7C
#
_cell.length_a   117.317
_cell.length_b   63.808
_cell.length_c   74.073
_cell.angle_alpha   90.000
_cell.angle_beta   125.023
_cell.angle_gamma   90.000
#
_symmetry.space_group_name_H-M   'C 1 2 1'
#
loop_
_entity.id
_entity.type
_entity.pdbx_description
1 polymer 'Thiol:disulfide interchange protein DsbA'
2 non-polymer '[6-(3-methoxyphenyl)-1-benzofuran-3-yl]acetic acid'
3 non-polymer 'COPPER (II) ION'
4 water water
#
_entity_poly.entity_id   1
_entity_poly.type   'polypeptide(L)'
_entity_poly.pdbx_seq_one_letter_code
;AQYEDGKQYTTLEKPVAGAPQVLEFFSFFCPHCYQFEEVLHISDNVKKKLPEGVKMTKYHVNFMGGDLGKDLTQAWAVAM
ALGVEDKVTVPLFEGVQKTQTIRSASDIRDVFINAGIKGEEYDAAWNSFVVKSLVAQQEKAAADVQLRGVPAMFVNGKYQ
LNPQGMDTSNMDVFVQQYADTVKYLSEKK
;
_entity_poly.pdbx_strand_id   A,B
#
# COMPACT_ATOMS: atom_id res chain seq x y z
N ALA A 1 30.49 -13.29 -4.03
CA ALA A 1 30.56 -12.72 -2.70
C ALA A 1 29.16 -12.76 -2.08
N GLN A 2 29.10 -12.59 -0.77
CA GLN A 2 27.81 -12.55 -0.08
C GLN A 2 26.95 -11.35 -0.51
N TYR A 3 27.56 -10.14 -0.56
CA TYR A 3 26.87 -8.97 -1.11
C TYR A 3 27.35 -8.78 -2.54
N GLU A 4 26.42 -8.68 -3.49
CA GLU A 4 26.81 -8.65 -4.88
C GLU A 4 26.05 -7.56 -5.60
N ASP A 5 26.78 -6.82 -6.41
CA ASP A 5 26.18 -5.87 -7.35
C ASP A 5 25.15 -6.60 -8.22
N GLY A 6 23.89 -6.14 -8.16
CA GLY A 6 22.80 -6.75 -8.88
C GLY A 6 21.93 -7.66 -8.04
N LYS A 7 22.34 -7.95 -6.81
CA LYS A 7 21.56 -8.73 -5.86
C LYS A 7 20.92 -7.78 -4.85
N GLN A 8 21.66 -7.45 -3.81
CA GLN A 8 21.10 -6.59 -2.75
C GLN A 8 21.23 -5.11 -3.10
N TYR A 9 22.07 -4.76 -4.06
CA TYR A 9 22.27 -3.35 -4.41
C TYR A 9 22.69 -3.29 -5.88
N THR A 10 22.64 -2.09 -6.43
CA THR A 10 23.26 -1.80 -7.72
C THR A 10 24.14 -0.58 -7.58
N THR A 11 24.90 -0.32 -8.64
CA THR A 11 25.89 0.75 -8.63
C THR A 11 25.52 1.75 -9.73
N LEU A 12 25.42 3.03 -9.37
CA LEU A 12 25.06 4.06 -10.35
C LEU A 12 26.16 4.15 -11.39
N GLU A 13 25.73 4.21 -12.68
CA GLU A 13 26.69 4.39 -13.78
C GLU A 13 27.34 5.76 -13.70
N LYS A 14 26.59 6.76 -13.25
CA LYS A 14 27.09 8.11 -13.02
C LYS A 14 26.97 8.43 -11.53
N PRO A 15 28.03 8.22 -10.76
CA PRO A 15 27.98 8.49 -9.32
C PRO A 15 27.74 9.96 -9.06
N VAL A 16 27.03 10.26 -7.97
CA VAL A 16 26.58 11.61 -7.67
C VAL A 16 27.52 12.22 -6.64
N ALA A 17 28.19 13.29 -7.03
CA ALA A 17 29.13 13.98 -6.16
C ALA A 17 28.39 14.75 -5.06
N GLY A 18 28.81 14.54 -3.80
CA GLY A 18 28.34 15.37 -2.71
C GLY A 18 26.98 15.01 -2.18
N ALA A 19 26.41 13.89 -2.62
CA ALA A 19 25.12 13.43 -2.14
C ALA A 19 25.16 13.20 -0.62
N PRO A 20 24.02 13.29 0.08
CA PRO A 20 23.96 12.83 1.48
C PRO A 20 24.36 11.35 1.62
N GLN A 21 24.73 10.96 2.85
CA GLN A 21 25.27 9.63 3.06
C GLN A 21 24.18 8.58 2.80
N VAL A 22 23.04 8.74 3.45
CA VAL A 22 21.88 7.87 3.27
C VAL A 22 20.75 8.74 2.78
N LEU A 23 20.29 8.50 1.56
CA LEU A 23 19.27 9.36 0.95
C LEU A 23 18.10 8.49 0.53
N GLU A 24 16.91 8.76 1.06
CA GLU A 24 15.71 8.00 0.70
C GLU A 24 14.74 8.88 -0.07
N PHE A 25 14.04 8.27 -1.03
CA PHE A 25 13.00 8.94 -1.81
C PHE A 25 11.71 8.16 -1.65
N PHE A 26 10.58 8.86 -1.52
CA PHE A 26 9.29 8.19 -1.33
C PHE A 26 8.22 9.05 -1.95
N SER A 27 7.02 8.48 -2.08
CA SER A 27 5.83 9.27 -2.40
C SER A 27 4.72 8.87 -1.45
N PHE A 28 3.86 9.84 -1.09
CA PHE A 28 2.73 9.49 -0.26
C PHE A 28 1.69 8.69 -1.06
N PHE A 29 1.83 8.62 -2.39
CA PHE A 29 0.99 7.78 -3.23
C PHE A 29 1.55 6.36 -3.43
N CYS A 30 2.73 6.08 -2.96
CA CYS A 30 3.45 4.86 -3.31
C CYS A 30 3.14 3.76 -2.29
N PRO A 31 2.50 2.65 -2.70
CA PRO A 31 2.10 1.63 -1.71
C PRO A 31 3.23 1.03 -0.94
N HIS A 32 4.34 0.68 -1.60
CA HIS A 32 5.45 0.12 -0.82
C HIS A 32 5.99 1.14 0.17
N CYS A 33 5.91 2.44 -0.16
CA CYS A 33 6.37 3.48 0.75
C CYS A 33 5.52 3.50 2.00
N TYR A 34 4.20 3.31 1.83
CA TYR A 34 3.31 3.19 2.99
C TYR A 34 3.76 2.06 3.90
N GLN A 35 4.07 0.90 3.32
CA GLN A 35 4.55 -0.23 4.13
C GLN A 35 5.89 0.08 4.80
N PHE A 36 6.83 0.70 4.06
CA PHE A 36 8.14 1.10 4.63
C PHE A 36 7.97 1.98 5.85
N GLU A 37 6.94 2.85 5.82
CA GLU A 37 6.67 3.71 6.96
C GLU A 37 5.91 2.98 8.06
N GLU A 38 4.77 2.33 7.73
CA GLU A 38 3.85 1.95 8.78
C GLU A 38 4.12 0.58 9.38
N VAL A 39 4.66 -0.36 8.60
CA VAL A 39 4.77 -1.71 9.15
C VAL A 39 6.17 -2.25 9.09
N LEU A 40 7.02 -1.77 8.19
CA LEU A 40 8.41 -2.20 8.14
C LEU A 40 9.36 -1.27 8.88
N HIS A 41 9.00 0.02 9.00
CA HIS A 41 9.83 1.00 9.70
C HIS A 41 11.27 0.95 9.19
N ILE A 42 11.40 0.98 7.86
CA ILE A 42 12.72 0.85 7.23
C ILE A 42 13.69 1.93 7.74
N SER A 43 13.26 3.20 7.74
CA SER A 43 14.22 4.25 8.09
C SER A 43 14.77 4.09 9.50
N ASP A 44 13.90 3.77 10.47
N ASP A 44 13.86 3.82 10.47
CA ASP A 44 14.36 3.63 11.85
CA ASP A 44 14.21 3.56 11.86
C ASP A 44 15.25 2.41 11.99
C ASP A 44 15.21 2.43 11.97
N ASN A 45 14.92 1.31 11.29
CA ASN A 45 15.75 0.15 11.41
C ASN A 45 17.10 0.35 10.76
N VAL A 46 17.14 1.11 9.67
CA VAL A 46 18.42 1.46 9.06
C VAL A 46 19.24 2.34 10.01
N LYS A 47 18.59 3.31 10.62
CA LYS A 47 19.29 4.22 11.53
C LYS A 47 19.95 3.46 12.68
N LYS A 48 19.25 2.45 13.22
CA LYS A 48 19.78 1.71 14.36
C LYS A 48 21.00 0.90 14.01
N LYS A 49 21.20 0.59 12.74
CA LYS A 49 22.35 -0.19 12.31
C LYS A 49 23.52 0.66 11.81
N LEU A 50 23.38 1.94 11.74
CA LEU A 50 24.47 2.81 11.34
C LEU A 50 25.04 3.52 12.55
N PRO A 51 26.27 4.06 12.46
CA PRO A 51 26.84 4.77 13.62
C PRO A 51 25.96 5.95 14.06
N GLU A 52 26.03 6.27 15.36
CA GLU A 52 25.32 7.44 15.89
C GLU A 52 25.78 8.71 15.16
N GLY A 53 24.81 9.53 14.74
CA GLY A 53 25.09 10.80 14.11
C GLY A 53 25.10 10.81 12.58
N VAL A 54 25.06 9.65 11.91
CA VAL A 54 25.11 9.62 10.44
C VAL A 54 23.93 10.41 9.90
N LYS A 55 24.17 11.25 8.90
CA LYS A 55 23.07 12.00 8.29
C LYS A 55 22.19 11.06 7.46
N MET A 56 20.89 11.05 7.75
CA MET A 56 19.91 10.37 6.91
C MET A 56 19.00 11.45 6.37
N THR A 57 18.69 11.39 5.08
CA THR A 57 17.86 12.42 4.44
C THR A 57 16.70 11.74 3.74
N LYS A 58 15.51 12.33 3.79
CA LYS A 58 14.37 11.67 3.12
C LYS A 58 13.59 12.74 2.36
N TYR A 59 13.41 12.52 1.05
CA TYR A 59 12.75 13.49 0.18
C TYR A 59 11.53 12.89 -0.51
N HIS A 60 10.52 13.75 -0.81
CA HIS A 60 9.36 13.34 -1.57
C HIS A 60 9.61 13.54 -3.08
N VAL A 61 8.83 12.86 -3.91
CA VAL A 61 9.02 12.96 -5.35
C VAL A 61 7.72 13.40 -6.03
N ASN A 62 7.86 13.98 -7.22
CA ASN A 62 6.68 14.49 -7.92
C ASN A 62 5.99 13.48 -8.85
N PHE A 63 6.67 12.42 -9.30
CA PHE A 63 6.15 11.73 -10.47
C PHE A 63 4.88 10.89 -10.24
N MET A 64 4.42 10.67 -9.02
CA MET A 64 3.13 9.99 -8.75
C MET A 64 2.10 11.03 -8.35
N GLY A 65 0.92 10.96 -8.94
CA GLY A 65 -0.17 11.77 -8.43
C GLY A 65 -0.36 13.14 -9.01
N GLY A 66 0.27 13.48 -10.12
CA GLY A 66 -0.06 14.72 -10.84
C GLY A 66 0.01 15.95 -9.95
N ASP A 67 -1.02 16.82 -9.99
CA ASP A 67 -0.97 18.07 -9.23
C ASP A 67 -0.70 17.77 -7.76
N LEU A 68 -1.48 16.84 -7.18
N LEU A 68 -1.43 16.79 -7.22
CA LEU A 68 -1.35 16.57 -5.75
CA LEU A 68 -1.39 16.53 -5.80
C LEU A 68 0.02 16.02 -5.41
C LEU A 68 -0.03 15.96 -5.40
N GLY A 69 0.65 15.26 -6.33
CA GLY A 69 2.03 14.85 -6.09
C GLY A 69 2.97 16.02 -5.85
N LYS A 70 2.89 17.05 -6.71
N LYS A 70 2.88 17.06 -6.69
CA LYS A 70 3.69 18.27 -6.46
CA LYS A 70 3.68 18.26 -6.48
C LYS A 70 3.25 18.98 -5.19
C LYS A 70 3.26 18.99 -5.21
N ASP A 71 1.95 19.02 -4.92
CA ASP A 71 1.51 19.65 -3.68
C ASP A 71 2.13 18.94 -2.48
N LEU A 72 2.21 17.60 -2.55
CA LEU A 72 2.78 16.83 -1.44
C LEU A 72 4.27 17.03 -1.31
N THR A 73 5.00 17.19 -2.43
CA THR A 73 6.41 17.56 -2.32
C THR A 73 6.60 18.89 -1.63
N GLN A 74 5.73 19.88 -1.95
CA GLN A 74 5.78 21.18 -1.30
C GLN A 74 5.40 21.08 0.16
N ALA A 75 4.40 20.24 0.49
CA ALA A 75 4.04 20.04 1.90
C ALA A 75 5.17 19.34 2.67
N TRP A 76 5.87 18.41 2.02
CA TRP A 76 7.00 17.76 2.70
C TRP A 76 8.11 18.76 2.93
N ALA A 77 8.30 19.71 2.01
CA ALA A 77 9.23 20.83 2.27
C ALA A 77 8.79 21.63 3.50
N VAL A 78 7.50 21.92 3.60
CA VAL A 78 6.99 22.59 4.78
C VAL A 78 7.29 21.77 6.01
N ALA A 79 7.06 20.45 5.96
CA ALA A 79 7.28 19.63 7.15
C ALA A 79 8.74 19.64 7.54
N MET A 80 9.64 19.61 6.52
CA MET A 80 11.05 19.68 6.87
C MET A 80 11.46 21.05 7.40
N ALA A 81 10.94 22.13 6.81
CA ALA A 81 11.26 23.48 7.28
C ALA A 81 10.82 23.68 8.72
N LEU A 82 9.66 23.15 9.09
CA LEU A 82 9.10 23.26 10.43
C LEU A 82 9.57 22.17 11.38
N GLY A 83 10.25 21.14 10.88
CA GLY A 83 10.68 20.03 11.68
C GLY A 83 9.56 19.18 12.24
N VAL A 84 8.47 19.02 11.50
CA VAL A 84 7.33 18.25 11.99
C VAL A 84 7.10 16.97 11.19
N GLU A 85 8.13 16.45 10.50
CA GLU A 85 7.96 15.22 9.71
C GLU A 85 7.31 14.11 10.51
N ASP A 86 7.77 13.90 11.75
CA ASP A 86 7.22 12.79 12.52
C ASP A 86 5.75 13.00 12.91
N LYS A 87 5.26 14.24 12.92
CA LYS A 87 3.88 14.53 13.24
C LYS A 87 2.94 14.33 12.05
N VAL A 88 3.45 14.42 10.83
CA VAL A 88 2.57 14.45 9.67
C VAL A 88 2.74 13.27 8.73
N THR A 89 3.81 12.48 8.87
CA THR A 89 3.97 11.37 7.91
C THR A 89 2.83 10.40 7.93
N VAL A 90 2.48 9.89 9.08
CA VAL A 90 1.38 8.89 9.15
C VAL A 90 0.06 9.48 8.67
N PRO A 91 -0.40 10.62 9.18
CA PRO A 91 -1.70 11.15 8.69
C PRO A 91 -1.67 11.48 7.21
N LEU A 92 -0.52 11.88 6.64
CA LEU A 92 -0.49 12.10 5.19
C LEU A 92 -0.61 10.78 4.44
N PHE A 93 0.16 9.75 4.85
CA PHE A 93 0.05 8.44 4.21
C PHE A 93 -1.36 7.88 4.32
N GLU A 94 -1.99 8.00 5.49
CA GLU A 94 -3.34 7.45 5.65
C GLU A 94 -4.38 8.29 4.94
N GLY A 95 -4.20 9.62 4.89
CA GLY A 95 -5.12 10.47 4.16
C GLY A 95 -5.11 10.17 2.67
N VAL A 96 -3.93 9.89 2.11
CA VAL A 96 -3.84 9.57 0.70
C VAL A 96 -4.29 8.13 0.43
N GLN A 97 -3.78 7.17 1.22
CA GLN A 97 -3.96 5.77 0.81
C GLN A 97 -4.99 5.00 1.59
N LYS A 98 -5.30 5.38 2.84
CA LYS A 98 -6.22 4.60 3.66
C LYS A 98 -7.64 5.15 3.61
N THR A 99 -7.82 6.40 3.99
CA THR A 99 -9.13 7.00 3.99
C THR A 99 -9.42 7.73 2.70
N GLN A 100 -8.39 8.05 1.90
CA GLN A 100 -8.57 8.79 0.65
C GLN A 100 -9.36 10.07 0.89
N THR A 101 -8.99 10.78 1.93
CA THR A 101 -9.59 12.05 2.25
C THR A 101 -8.69 13.21 1.89
N ILE A 102 -7.53 12.94 1.28
CA ILE A 102 -6.68 14.00 0.76
C ILE A 102 -6.91 14.08 -0.75
N ARG A 103 -7.59 15.13 -1.18
CA ARG A 103 -7.91 15.31 -2.57
C ARG A 103 -7.47 16.68 -3.09
N SER A 104 -6.95 17.54 -2.22
CA SER A 104 -6.62 18.92 -2.59
C SER A 104 -5.54 19.44 -1.65
N ALA A 105 -4.93 20.55 -2.04
CA ALA A 105 -3.94 21.16 -1.14
C ALA A 105 -4.58 21.59 0.17
N SER A 106 -5.84 21.98 0.15
CA SER A 106 -6.52 22.33 1.40
C SER A 106 -6.62 21.11 2.33
N ASP A 107 -6.91 19.93 1.78
CA ASP A 107 -6.95 18.72 2.63
C ASP A 107 -5.57 18.41 3.25
N ILE A 108 -4.50 18.72 2.51
CA ILE A 108 -3.17 18.53 3.06
C ILE A 108 -2.96 19.47 4.23
N ARG A 109 -3.33 20.75 4.07
CA ARG A 109 -3.23 21.72 5.15
C ARG A 109 -4.01 21.26 6.38
N ASP A 110 -5.18 20.65 6.17
CA ASP A 110 -5.98 20.14 7.30
C ASP A 110 -5.20 19.14 8.14
N VAL A 111 -4.37 18.31 7.49
CA VAL A 111 -3.58 17.34 8.25
C VAL A 111 -2.62 18.07 9.18
N PHE A 112 -1.98 19.16 8.68
CA PHE A 112 -1.05 19.90 9.54
C PHE A 112 -1.76 20.57 10.68
N ILE A 113 -2.94 21.14 10.38
CA ILE A 113 -3.73 21.83 11.41
C ILE A 113 -4.09 20.87 12.54
N ASN A 114 -4.58 19.72 12.15
CA ASN A 114 -4.99 18.69 13.10
C ASN A 114 -3.79 18.17 13.89
N ALA A 115 -2.60 18.16 13.30
CA ALA A 115 -1.38 17.76 13.99
C ALA A 115 -0.80 18.89 14.84
N GLY A 116 -1.48 20.04 14.95
CA GLY A 116 -1.04 21.10 15.84
C GLY A 116 -0.17 22.17 15.22
N ILE A 117 0.06 22.15 13.92
CA ILE A 117 0.71 23.28 13.27
C ILE A 117 -0.33 24.38 13.13
N LYS A 118 0.02 25.60 13.54
CA LYS A 118 -0.90 26.73 13.38
C LYS A 118 -1.09 27.10 11.91
N GLY A 119 -2.30 27.54 11.56
CA GLY A 119 -2.57 27.86 10.17
C GLY A 119 -1.65 28.94 9.65
N GLU A 120 -1.41 29.97 10.47
CA GLU A 120 -0.50 31.06 10.08
C GLU A 120 0.87 30.52 9.74
N GLU A 121 1.40 29.68 10.64
CA GLU A 121 2.72 29.07 10.50
C GLU A 121 2.83 28.24 9.23
N TYR A 122 1.80 27.40 8.98
CA TYR A 122 1.79 26.58 7.77
C TYR A 122 1.78 27.44 6.52
N ASP A 123 0.89 28.43 6.48
CA ASP A 123 0.76 29.28 5.29
C ASP A 123 2.03 30.06 5.02
N ALA A 124 2.65 30.62 6.07
CA ALA A 124 3.89 31.38 5.88
C ALA A 124 4.99 30.47 5.33
N ALA A 125 5.10 29.26 5.86
CA ALA A 125 6.10 28.34 5.33
C ALA A 125 5.79 27.96 3.90
N TRP A 126 4.52 27.59 3.65
CA TRP A 126 4.11 27.16 2.30
C TRP A 126 4.51 28.17 1.23
N ASN A 127 4.41 29.45 1.54
CA ASN A 127 4.68 30.51 0.58
C ASN A 127 6.11 31.01 0.65
N SER A 128 6.95 30.43 1.50
CA SER A 128 8.28 30.96 1.75
C SER A 128 9.30 30.60 0.66
N PHE A 129 10.28 31.48 0.48
CA PHE A 129 11.42 31.13 -0.38
C PHE A 129 12.29 30.02 0.22
N VAL A 130 12.35 29.90 1.55
CA VAL A 130 13.08 28.76 2.13
C VAL A 130 12.42 27.44 1.69
N VAL A 131 11.09 27.38 1.65
CA VAL A 131 10.40 26.17 1.17
C VAL A 131 10.55 26.02 -0.34
N LYS A 132 10.49 27.11 -1.11
CA LYS A 132 10.80 26.96 -2.56
C LYS A 132 12.15 26.28 -2.77
N SER A 133 13.17 26.68 -2.00
CA SER A 133 14.47 26.09 -2.23
C SER A 133 14.52 24.66 -1.72
N LEU A 134 13.77 24.33 -0.67
CA LEU A 134 13.66 22.93 -0.26
C LEU A 134 12.96 22.08 -1.32
N VAL A 135 11.97 22.64 -2.02
CA VAL A 135 11.38 21.92 -3.15
C VAL A 135 12.41 21.70 -4.27
N ALA A 136 13.18 22.75 -4.60
CA ALA A 136 14.25 22.61 -5.59
C ALA A 136 15.24 21.55 -5.16
N GLN A 137 15.51 21.49 -3.87
CA GLN A 137 16.53 20.55 -3.42
C GLN A 137 16.03 19.12 -3.60
N GLN A 138 14.74 18.88 -3.32
CA GLN A 138 14.19 17.52 -3.45
C GLN A 138 14.21 17.11 -4.90
N GLU A 139 13.81 18.02 -5.79
CA GLU A 139 13.82 17.77 -7.22
C GLU A 139 15.22 17.47 -7.73
N LYS A 140 16.19 18.32 -7.34
CA LYS A 140 17.58 18.14 -7.81
C LYS A 140 18.09 16.76 -7.40
N ALA A 141 17.84 16.36 -6.16
CA ALA A 141 18.39 15.12 -5.63
C ALA A 141 17.83 13.94 -6.42
N ALA A 142 16.53 13.97 -6.74
CA ALA A 142 15.90 12.91 -7.53
C ALA A 142 16.38 12.94 -8.98
N ALA A 143 16.45 14.14 -9.56
CA ALA A 143 16.88 14.25 -10.95
C ALA A 143 18.30 13.70 -11.14
N ASP A 144 19.19 13.95 -10.18
CA ASP A 144 20.54 13.39 -10.27
C ASP A 144 20.59 11.88 -10.63
N VAL A 145 19.57 11.09 -10.30
CA VAL A 145 19.61 9.68 -10.69
C VAL A 145 18.37 9.22 -11.49
N GLN A 146 17.75 10.14 -12.23
CA GLN A 146 16.61 9.83 -13.09
C GLN A 146 15.62 8.87 -12.42
N LEU A 147 15.29 9.13 -11.16
CA LEU A 147 14.44 8.26 -10.38
C LEU A 147 13.08 8.07 -11.04
N ARG A 148 12.70 6.80 -11.29
CA ARG A 148 11.41 6.49 -11.91
C ARG A 148 10.68 5.47 -11.04
N GLY A 149 11.25 5.19 -9.86
CA GLY A 149 10.62 4.35 -8.88
C GLY A 149 10.97 4.65 -7.43
N VAL A 150 9.97 4.47 -6.56
CA VAL A 150 10.12 4.60 -5.11
C VAL A 150 9.47 3.34 -4.53
N PRO A 151 9.79 2.97 -3.27
CA PRO A 151 10.78 3.60 -2.39
C PRO A 151 12.20 3.37 -2.90
N ALA A 152 13.10 4.35 -2.76
CA ALA A 152 14.47 4.19 -3.22
C ALA A 152 15.40 4.67 -2.11
N MET A 153 16.50 4.01 -1.94
CA MET A 153 17.58 4.44 -1.06
C MET A 153 18.90 4.44 -1.77
N PHE A 154 19.66 5.51 -1.58
CA PHE A 154 20.99 5.64 -2.16
C PHE A 154 21.99 5.83 -1.05
N VAL A 155 23.14 5.20 -1.21
CA VAL A 155 24.19 5.30 -0.22
C VAL A 155 25.39 5.97 -0.89
N ASN A 156 25.81 7.09 -0.28
CA ASN A 156 26.99 7.90 -0.70
C ASN A 156 26.95 8.30 -2.17
N GLY A 157 25.77 8.57 -2.72
CA GLY A 157 25.75 8.91 -4.14
C GLY A 157 26.16 7.79 -5.07
N LYS A 158 26.46 6.60 -4.58
CA LYS A 158 27.09 5.58 -5.41
C LYS A 158 26.31 4.30 -5.53
N TYR A 159 25.55 3.91 -4.50
CA TYR A 159 24.89 2.62 -4.49
C TYR A 159 23.40 2.77 -4.29
N GLN A 160 22.63 1.94 -4.95
CA GLN A 160 21.18 1.99 -4.85
C GLN A 160 20.71 0.69 -4.25
N LEU A 161 19.94 0.76 -3.17
CA LEU A 161 19.38 -0.45 -2.57
C LEU A 161 18.52 -1.19 -3.58
N ASN A 162 18.56 -2.53 -3.51
CA ASN A 162 17.79 -3.36 -4.44
C ASN A 162 16.95 -4.35 -3.64
N PRO A 163 15.81 -3.90 -3.11
CA PRO A 163 14.96 -4.83 -2.36
C PRO A 163 14.39 -5.96 -3.20
N GLN A 164 14.32 -5.78 -4.53
CA GLN A 164 13.92 -6.86 -5.42
C GLN A 164 14.80 -8.09 -5.23
N GLY A 165 16.04 -7.89 -4.84
CA GLY A 165 16.91 -9.03 -4.69
C GLY A 165 17.00 -9.56 -3.26
N MET A 166 16.11 -9.17 -2.35
CA MET A 166 16.17 -9.63 -0.97
C MET A 166 15.01 -10.57 -0.69
N ASP A 167 15.07 -11.29 0.42
CA ASP A 167 14.02 -12.27 0.78
C ASP A 167 12.84 -11.60 1.46
N THR A 168 11.61 -11.88 0.97
CA THR A 168 10.41 -11.20 1.46
C THR A 168 9.36 -12.17 2.00
N SER A 169 9.78 -13.39 2.43
CA SER A 169 8.83 -14.27 3.09
C SER A 169 8.56 -13.83 4.53
N ASN A 170 9.48 -13.07 5.12
CA ASN A 170 9.37 -12.66 6.51
C ASN A 170 9.68 -11.17 6.58
N MET A 171 8.72 -10.39 7.11
CA MET A 171 8.85 -8.92 7.18
C MET A 171 10.13 -8.53 7.86
N ASP A 172 10.42 -9.14 9.02
CA ASP A 172 11.55 -8.69 9.80
C ASP A 172 12.87 -9.13 9.18
N VAL A 173 12.92 -10.33 8.59
CA VAL A 173 14.13 -10.75 7.86
C VAL A 173 14.42 -9.76 6.73
N PHE A 174 13.38 -9.41 5.96
CA PHE A 174 13.52 -8.46 4.86
C PHE A 174 14.10 -7.15 5.36
N VAL A 175 13.54 -6.61 6.43
CA VAL A 175 14.03 -5.35 7.02
C VAL A 175 15.47 -5.50 7.45
N GLN A 176 15.84 -6.64 8.04
N GLN A 176 15.80 -6.64 8.08
CA GLN A 176 17.21 -6.74 8.52
CA GLN A 176 17.17 -6.92 8.50
C GLN A 176 18.22 -7.01 7.40
C GLN A 176 18.12 -6.88 7.33
N GLN A 177 17.83 -7.69 6.31
CA GLN A 177 18.68 -7.73 5.14
C GLN A 177 18.85 -6.34 4.55
N TYR A 178 17.76 -5.57 4.46
CA TYR A 178 17.86 -4.22 3.90
C TYR A 178 18.80 -3.36 4.74
N ALA A 179 18.59 -3.33 6.07
CA ALA A 179 19.44 -2.49 6.91
C ALA A 179 20.87 -2.97 6.93
N ASP A 180 21.08 -4.29 6.95
CA ASP A 180 22.46 -4.81 6.91
C ASP A 180 23.14 -4.48 5.61
N THR A 181 22.40 -4.45 4.50
CA THR A 181 23.01 -4.02 3.24
C THR A 181 23.42 -2.56 3.31
N VAL A 182 22.56 -1.71 3.88
CA VAL A 182 22.91 -0.30 3.98
C VAL A 182 24.18 -0.15 4.79
N LYS A 183 24.28 -0.88 5.90
CA LYS A 183 25.50 -0.85 6.71
C LYS A 183 26.72 -1.27 5.88
N TYR A 184 26.62 -2.38 5.14
CA TYR A 184 27.74 -2.83 4.30
C TYR A 184 28.12 -1.76 3.27
N LEU A 185 27.12 -1.18 2.60
CA LEU A 185 27.41 -0.12 1.61
C LEU A 185 28.05 1.08 2.28
N SER A 186 27.61 1.43 3.48
CA SER A 186 28.19 2.62 4.09
C SER A 186 29.66 2.39 4.46
N GLU A 187 30.06 1.15 4.81
CA GLU A 187 31.44 0.75 5.14
C GLU A 187 32.30 0.49 3.90
N LYS A 188 31.76 0.67 2.70
CA LYS A 188 32.47 0.37 1.46
C LYS A 188 33.53 1.41 1.12
N ALA B 1 -28.59 10.13 -18.35
CA ALA B 1 -28.76 8.91 -17.55
C ALA B 1 -28.01 8.94 -16.24
N GLN B 2 -28.58 8.24 -15.26
CA GLN B 2 -27.94 8.25 -13.96
C GLN B 2 -26.59 7.55 -14.00
N TYR B 3 -26.57 6.27 -14.40
CA TYR B 3 -25.32 5.53 -14.50
C TYR B 3 -24.67 5.80 -15.84
N GLU B 4 -23.40 6.22 -15.80
CA GLU B 4 -22.70 6.56 -17.04
C GLU B 4 -21.35 5.88 -17.07
N ASP B 5 -21.05 5.22 -18.17
CA ASP B 5 -19.75 4.57 -18.31
C ASP B 5 -18.64 5.60 -18.11
N GLY B 6 -17.70 5.25 -17.25
CA GLY B 6 -16.61 6.15 -16.90
C GLY B 6 -16.85 6.93 -15.62
N LYS B 7 -18.11 6.99 -15.16
CA LYS B 7 -18.46 7.66 -13.92
C LYS B 7 -18.45 6.64 -12.76
N GLN B 8 -19.57 5.95 -12.53
CA GLN B 8 -19.64 4.98 -11.42
C GLN B 8 -18.91 3.67 -11.71
N TYR B 9 -18.66 3.40 -12.98
CA TYR B 9 -18.04 2.13 -13.37
C TYR B 9 -17.33 2.35 -14.71
N THR B 10 -16.50 1.38 -15.07
CA THR B 10 -15.90 1.29 -16.41
C THR B 10 -16.25 -0.08 -16.97
N THR B 11 -16.07 -0.25 -18.28
CA THR B 11 -16.33 -1.50 -18.99
C THR B 11 -15.04 -2.15 -19.49
N LEU B 12 -14.87 -3.43 -19.14
CA LEU B 12 -13.70 -4.20 -19.55
C LEU B 12 -13.67 -4.39 -21.07
N GLU B 13 -12.53 -4.08 -21.69
CA GLU B 13 -12.42 -4.29 -23.14
C GLU B 13 -12.54 -5.75 -23.49
N LYS B 14 -12.00 -6.64 -22.66
CA LYS B 14 -11.97 -8.08 -22.92
C LYS B 14 -12.75 -8.76 -21.82
N PRO B 15 -14.07 -8.94 -21.98
CA PRO B 15 -14.89 -9.52 -20.91
C PRO B 15 -14.50 -10.96 -20.57
N VAL B 16 -14.84 -11.36 -19.35
CA VAL B 16 -14.29 -12.57 -18.74
C VAL B 16 -15.41 -13.60 -18.68
N ALA B 17 -15.29 -14.65 -19.49
CA ALA B 17 -16.25 -15.74 -19.43
C ALA B 17 -16.17 -16.47 -18.10
N GLY B 18 -17.32 -16.90 -17.58
CA GLY B 18 -17.37 -17.70 -16.37
C GLY B 18 -17.07 -16.99 -15.07
N ALA B 19 -16.86 -15.67 -15.11
CA ALA B 19 -16.47 -14.94 -13.89
C ALA B 19 -17.60 -14.98 -12.87
N PRO B 20 -17.28 -14.89 -11.58
CA PRO B 20 -18.34 -14.75 -10.57
C PRO B 20 -19.20 -13.52 -10.81
N GLN B 21 -20.44 -13.60 -10.35
CA GLN B 21 -21.38 -12.50 -10.52
C GLN B 21 -20.83 -11.22 -9.92
N VAL B 22 -20.29 -11.30 -8.71
CA VAL B 22 -19.77 -10.15 -8.02
C VAL B 22 -18.45 -10.60 -7.42
N LEU B 23 -17.34 -10.10 -7.95
CA LEU B 23 -16.01 -10.54 -7.54
C LEU B 23 -15.25 -9.37 -6.97
N GLU B 24 -14.83 -9.50 -5.72
CA GLU B 24 -14.06 -8.48 -5.01
C GLU B 24 -12.64 -9.00 -4.83
N PHE B 25 -11.66 -8.09 -4.96
CA PHE B 25 -10.24 -8.37 -4.71
C PHE B 25 -9.74 -7.47 -3.57
N PHE B 26 -8.86 -8.01 -2.72
CA PHE B 26 -8.30 -7.26 -1.61
C PHE B 26 -6.93 -7.83 -1.26
N SER B 27 -6.23 -7.10 -0.39
CA SER B 27 -5.06 -7.69 0.26
C SER B 27 -5.07 -7.35 1.74
N PHE B 28 -4.63 -8.27 2.60
CA PHE B 28 -4.50 -7.87 4.00
C PHE B 28 -3.45 -6.76 4.23
N PHE B 29 -2.60 -6.47 3.25
CA PHE B 29 -1.63 -5.37 3.33
C PHE B 29 -2.21 -4.04 2.87
N CYS B 30 -3.40 -4.06 2.26
CA CYS B 30 -3.98 -2.91 1.58
C CYS B 30 -4.74 -2.04 2.57
N PRO B 31 -4.23 -0.85 2.94
CA PRO B 31 -4.98 -0.03 3.92
C PRO B 31 -6.36 0.44 3.40
N HIS B 32 -6.53 0.71 2.14
CA HIS B 32 -7.86 1.13 1.70
C HIS B 32 -8.83 -0.05 1.68
N CYS B 33 -8.30 -1.28 1.63
CA CYS B 33 -9.15 -2.48 1.72
C CYS B 33 -9.66 -2.66 3.13
N TYR B 34 -8.77 -2.39 4.09
CA TYR B 34 -9.17 -2.38 5.50
C TYR B 34 -10.25 -1.36 5.72
N GLN B 35 -10.06 -0.15 5.16
CA GLN B 35 -11.08 0.88 5.28
C GLN B 35 -12.41 0.43 4.65
N PHE B 36 -12.36 -0.11 3.42
CA PHE B 36 -13.57 -0.60 2.77
C PHE B 36 -14.28 -1.61 3.68
N GLU B 37 -13.55 -2.63 4.13
CA GLU B 37 -14.20 -3.77 4.76
C GLU B 37 -14.66 -3.45 6.18
N GLU B 38 -13.80 -2.81 6.97
CA GLU B 38 -14.01 -2.67 8.41
C GLU B 38 -14.47 -1.27 8.84
N VAL B 39 -14.38 -0.24 7.99
CA VAL B 39 -14.82 1.09 8.39
C VAL B 39 -16.05 1.52 7.61
N LEU B 40 -15.95 1.51 6.28
CA LEU B 40 -17.07 1.90 5.44
C LEU B 40 -18.10 0.77 5.36
N HIS B 41 -17.66 -0.45 5.61
CA HIS B 41 -18.45 -1.67 5.43
C HIS B 41 -19.05 -1.76 4.04
N ILE B 42 -18.20 -1.58 3.01
CA ILE B 42 -18.67 -1.63 1.63
C ILE B 42 -19.37 -2.95 1.34
N SER B 43 -18.70 -4.06 1.65
CA SER B 43 -19.25 -5.35 1.23
C SER B 43 -20.55 -5.66 1.94
N ASP B 44 -20.73 -5.19 3.18
CA ASP B 44 -22.00 -5.41 3.87
C ASP B 44 -23.12 -4.66 3.16
N ASN B 45 -22.85 -3.40 2.77
CA ASN B 45 -23.89 -2.61 2.15
C ASN B 45 -24.17 -3.11 0.74
N VAL B 46 -23.15 -3.61 0.04
CA VAL B 46 -23.40 -4.24 -1.27
C VAL B 46 -24.30 -5.46 -1.08
N LYS B 47 -23.94 -6.33 -0.13
CA LYS B 47 -24.70 -7.57 0.06
C LYS B 47 -26.18 -7.28 0.36
N LYS B 48 -26.44 -6.31 1.26
CA LYS B 48 -27.80 -5.95 1.65
C LYS B 48 -28.65 -5.60 0.45
N LYS B 49 -28.04 -5.14 -0.62
CA LYS B 49 -28.81 -4.70 -1.77
C LYS B 49 -28.75 -5.65 -2.97
N LEU B 50 -28.10 -6.79 -2.86
CA LEU B 50 -27.97 -7.60 -4.07
C LEU B 50 -29.26 -8.34 -4.40
N PRO B 51 -29.59 -8.46 -5.70
CA PRO B 51 -30.78 -9.20 -6.09
C PRO B 51 -30.72 -10.63 -5.60
N GLU B 52 -31.88 -11.24 -5.50
CA GLU B 52 -31.99 -12.66 -5.16
C GLU B 52 -31.21 -13.52 -6.16
N GLY B 53 -30.44 -14.48 -5.63
CA GLY B 53 -29.66 -15.36 -6.47
C GLY B 53 -28.34 -14.81 -6.97
N VAL B 54 -27.81 -13.76 -6.35
CA VAL B 54 -26.49 -13.22 -6.69
C VAL B 54 -25.62 -13.31 -5.44
N LYS B 55 -24.50 -14.05 -5.54
CA LYS B 55 -23.55 -14.29 -4.45
C LYS B 55 -22.28 -13.46 -4.64
N MET B 56 -21.71 -13.01 -3.51
CA MET B 56 -20.42 -12.33 -3.50
C MET B 56 -19.23 -13.24 -3.28
N THR B 57 -18.22 -13.03 -4.10
CA THR B 57 -16.99 -13.77 -4.07
C THR B 57 -15.89 -12.80 -3.72
N LYS B 58 -14.98 -13.21 -2.82
CA LYS B 58 -13.88 -12.32 -2.49
C LYS B 58 -12.57 -13.09 -2.55
N TYR B 59 -11.59 -12.55 -3.28
CA TYR B 59 -10.29 -13.19 -3.48
C TYR B 59 -9.16 -12.26 -3.02
N HIS B 60 -8.09 -12.86 -2.50
CA HIS B 60 -6.91 -12.13 -2.08
C HIS B 60 -5.90 -12.08 -3.23
N VAL B 61 -4.99 -11.08 -3.18
CA VAL B 61 -4.07 -10.90 -4.28
C VAL B 61 -2.64 -11.04 -3.76
N ASN B 62 -1.72 -11.39 -4.66
CA ASN B 62 -0.31 -11.61 -4.29
C ASN B 62 0.57 -10.35 -4.28
N PHE B 63 0.21 -9.31 -5.01
CA PHE B 63 1.21 -8.32 -5.38
C PHE B 63 1.51 -7.27 -4.28
N MET B 64 1.02 -7.41 -3.06
CA MET B 64 1.43 -6.53 -1.98
C MET B 64 2.15 -7.40 -0.97
N GLY B 65 3.23 -6.93 -0.38
CA GLY B 65 3.84 -7.75 0.65
C GLY B 65 4.83 -8.77 0.16
N GLY B 66 5.24 -8.70 -1.10
CA GLY B 66 6.23 -9.69 -1.56
C GLY B 66 5.77 -11.13 -1.37
N ASP B 67 6.71 -12.00 -1.03
CA ASP B 67 6.33 -13.40 -0.91
C ASP B 67 5.38 -13.63 0.27
N LEU B 68 5.44 -12.81 1.31
CA LEU B 68 4.42 -12.92 2.34
C LEU B 68 3.02 -12.66 1.77
N GLY B 69 2.91 -11.80 0.76
CA GLY B 69 1.60 -11.63 0.13
C GLY B 69 1.05 -12.93 -0.45
N LYS B 70 1.94 -13.79 -0.98
CA LYS B 70 1.49 -15.07 -1.50
C LYS B 70 1.01 -15.97 -0.36
N ASP B 71 1.76 -15.98 0.75
CA ASP B 71 1.32 -16.78 1.90
C ASP B 71 -0.05 -16.33 2.38
N LEU B 72 -0.32 -15.02 2.33
CA LEU B 72 -1.66 -14.59 2.72
C LEU B 72 -2.71 -15.04 1.71
N THR B 73 -2.36 -15.10 0.43
CA THR B 73 -3.32 -15.60 -0.54
C THR B 73 -3.63 -17.07 -0.27
N GLN B 74 -2.62 -17.85 0.13
CA GLN B 74 -2.90 -19.25 0.43
C GLN B 74 -3.70 -19.35 1.73
N ALA B 75 -3.41 -18.48 2.70
CA ALA B 75 -4.16 -18.50 3.95
C ALA B 75 -5.61 -18.11 3.70
N TRP B 76 -5.85 -17.13 2.80
CA TRP B 76 -7.23 -16.76 2.44
C TRP B 76 -7.93 -17.96 1.79
N ALA B 77 -7.21 -18.71 0.95
CA ALA B 77 -7.74 -19.97 0.44
C ALA B 77 -8.11 -20.92 1.58
N VAL B 78 -7.26 -21.02 2.60
CA VAL B 78 -7.60 -21.90 3.73
C VAL B 78 -8.86 -21.40 4.41
N ALA B 79 -8.97 -20.07 4.57
CA ALA B 79 -10.16 -19.51 5.22
C ALA B 79 -11.41 -19.86 4.43
N MET B 80 -11.33 -19.77 3.11
CA MET B 80 -12.48 -20.09 2.28
C MET B 80 -12.81 -21.58 2.41
N ALA B 81 -11.77 -22.41 2.36
CA ALA B 81 -11.98 -23.86 2.42
C ALA B 81 -12.60 -24.28 3.74
N LEU B 82 -12.25 -23.60 4.84
CA LEU B 82 -12.80 -23.98 6.16
C LEU B 82 -14.05 -23.20 6.50
N GLY B 83 -14.44 -22.22 5.67
CA GLY B 83 -15.55 -21.34 5.97
C GLY B 83 -15.36 -20.51 7.22
N VAL B 84 -14.16 -19.96 7.44
CA VAL B 84 -13.96 -19.15 8.64
C VAL B 84 -13.61 -17.72 8.27
N GLU B 85 -14.07 -17.25 7.10
CA GLU B 85 -13.79 -15.88 6.72
C GLU B 85 -14.26 -14.91 7.78
N ASP B 86 -15.39 -15.19 8.42
CA ASP B 86 -15.95 -14.25 9.39
C ASP B 86 -15.35 -14.46 10.79
N LYS B 87 -14.34 -15.30 10.90
CA LYS B 87 -13.61 -15.34 12.16
C LYS B 87 -12.21 -14.81 12.05
N VAL B 88 -11.57 -14.93 10.89
CA VAL B 88 -10.15 -14.57 10.80
C VAL B 88 -9.89 -13.25 10.09
N THR B 89 -10.87 -12.64 9.41
CA THR B 89 -10.59 -11.41 8.65
C THR B 89 -10.09 -10.29 9.56
N VAL B 90 -10.73 -10.10 10.71
CA VAL B 90 -10.31 -9.01 11.59
C VAL B 90 -8.93 -9.27 12.22
N PRO B 91 -8.65 -10.43 12.83
CA PRO B 91 -7.28 -10.64 13.32
C PRO B 91 -6.20 -10.60 12.23
N LEU B 92 -6.52 -10.98 10.99
CA LEU B 92 -5.54 -10.86 9.90
C LEU B 92 -5.25 -9.42 9.57
N PHE B 93 -6.31 -8.59 9.38
CA PHE B 93 -6.07 -7.17 9.11
C PHE B 93 -5.34 -6.53 10.25
N GLU B 94 -5.83 -6.74 11.49
CA GLU B 94 -5.22 -6.06 12.63
C GLU B 94 -3.77 -6.52 12.85
N GLY B 95 -3.54 -7.82 12.70
CA GLY B 95 -2.20 -8.37 12.93
C GLY B 95 -1.20 -7.88 11.90
N VAL B 96 -1.64 -7.71 10.65
CA VAL B 96 -0.72 -7.20 9.61
C VAL B 96 -0.52 -5.70 9.76
N GLN B 97 -1.63 -4.96 9.85
CA GLN B 97 -1.55 -3.51 9.67
C GLN B 97 -1.49 -2.73 10.96
N LYS B 98 -1.99 -3.27 12.07
CA LYS B 98 -2.22 -2.48 13.29
C LYS B 98 -1.24 -2.87 14.40
N THR B 99 -1.40 -4.07 14.95
CA THR B 99 -0.51 -4.52 16.01
C THR B 99 0.84 -5.01 15.49
N GLN B 100 0.92 -5.33 14.19
CA GLN B 100 2.15 -5.78 13.53
C GLN B 100 2.70 -7.02 14.24
N THR B 101 1.80 -7.92 14.57
CA THR B 101 2.19 -9.18 15.15
C THR B 101 2.21 -10.29 14.11
N ILE B 102 1.76 -10.03 12.89
CA ILE B 102 1.83 -11.00 11.80
C ILE B 102 2.98 -10.60 10.88
N ARG B 103 4.03 -11.40 10.81
CA ARG B 103 5.26 -11.08 10.10
C ARG B 103 5.67 -12.19 9.17
N SER B 104 5.03 -13.36 9.22
CA SER B 104 5.47 -14.49 8.44
C SER B 104 4.33 -15.49 8.45
N ALA B 105 4.43 -16.52 7.60
CA ALA B 105 3.40 -17.55 7.51
C ALA B 105 3.11 -18.18 8.86
N SER B 106 4.12 -18.33 9.72
N SER B 106 4.13 -18.31 9.73
CA SER B 106 3.87 -18.97 11.00
CA SER B 106 3.89 -18.96 11.01
C SER B 106 2.93 -18.13 11.87
C SER B 106 2.98 -18.13 11.90
N ASP B 107 3.06 -16.79 11.81
CA ASP B 107 2.14 -15.95 12.57
C ASP B 107 0.70 -16.02 12.02
N ILE B 108 0.56 -16.16 10.69
CA ILE B 108 -0.77 -16.33 10.09
C ILE B 108 -1.42 -17.58 10.64
N ARG B 109 -0.67 -18.68 10.68
CA ARG B 109 -1.14 -19.92 11.26
C ARG B 109 -1.64 -19.71 12.68
N ASP B 110 -0.88 -18.98 13.49
CA ASP B 110 -1.27 -18.76 14.88
C ASP B 110 -2.63 -18.09 14.99
N VAL B 111 -2.94 -17.16 14.04
CA VAL B 111 -4.26 -16.53 14.00
C VAL B 111 -5.37 -17.58 13.89
N PHE B 112 -5.21 -18.55 13.00
CA PHE B 112 -6.28 -19.55 12.82
C PHE B 112 -6.42 -20.42 14.07
N ILE B 113 -5.28 -20.83 14.63
CA ILE B 113 -5.28 -21.62 15.87
C ILE B 113 -5.92 -20.84 17.00
N ASN B 114 -5.61 -19.52 17.09
CA ASN B 114 -6.16 -18.69 18.16
C ASN B 114 -7.67 -18.55 18.01
N ALA B 115 -8.17 -18.67 16.78
CA ALA B 115 -9.60 -18.65 16.47
C ALA B 115 -10.26 -20.02 16.66
N GLY B 116 -9.54 -21.03 17.14
CA GLY B 116 -10.18 -22.32 17.43
C GLY B 116 -9.96 -23.41 16.38
N ILE B 117 -9.31 -23.09 15.26
CA ILE B 117 -8.93 -24.11 14.30
C ILE B 117 -7.78 -24.92 14.86
N LYS B 118 -7.93 -26.25 14.88
CA LYS B 118 -6.83 -27.07 15.35
C LYS B 118 -5.65 -26.91 14.39
N GLY B 119 -4.43 -26.90 14.94
CA GLY B 119 -3.25 -26.80 14.10
C GLY B 119 -3.17 -27.88 13.02
N GLU B 120 -3.51 -29.11 13.39
CA GLU B 120 -3.48 -30.23 12.46
C GLU B 120 -4.41 -29.98 11.30
N GLU B 121 -5.55 -29.35 11.57
CA GLU B 121 -6.58 -29.14 10.55
C GLU B 121 -6.21 -27.98 9.65
N TYR B 122 -5.66 -26.93 10.26
CA TYR B 122 -5.09 -25.82 9.46
C TYR B 122 -4.05 -26.38 8.49
N ASP B 123 -3.16 -27.24 9.00
CA ASP B 123 -2.06 -27.75 8.17
C ASP B 123 -2.57 -28.66 7.06
N ALA B 124 -3.53 -29.54 7.38
CA ALA B 124 -4.11 -30.39 6.34
C ALA B 124 -4.75 -29.54 5.27
N ALA B 125 -5.52 -28.53 5.66
CA ALA B 125 -6.10 -27.63 4.66
C ALA B 125 -5.01 -26.90 3.85
N TRP B 126 -4.01 -26.35 4.53
CA TRP B 126 -2.95 -25.62 3.84
C TRP B 126 -2.34 -26.44 2.72
N ASN B 127 -2.17 -27.74 2.93
CA ASN B 127 -1.52 -28.61 1.97
C ASN B 127 -2.48 -29.36 1.07
N SER B 128 -3.76 -29.00 1.06
CA SER B 128 -4.75 -29.77 0.34
C SER B 128 -4.81 -29.35 -1.12
N PHE B 129 -5.30 -30.28 -1.96
CA PHE B 129 -5.65 -29.98 -3.35
C PHE B 129 -6.68 -28.87 -3.45
N VAL B 130 -7.72 -28.94 -2.61
CA VAL B 130 -8.75 -27.90 -2.60
C VAL B 130 -8.12 -26.52 -2.50
N VAL B 131 -7.18 -26.33 -1.56
CA VAL B 131 -6.55 -25.01 -1.34
C VAL B 131 -5.60 -24.64 -2.47
N LYS B 132 -4.81 -25.60 -2.96
CA LYS B 132 -3.99 -25.34 -4.15
C LYS B 132 -4.85 -24.88 -5.32
N SER B 133 -5.97 -25.58 -5.57
CA SER B 133 -6.93 -25.15 -6.59
C SER B 133 -7.43 -23.72 -6.32
N LEU B 134 -7.79 -23.42 -5.07
CA LEU B 134 -8.31 -22.10 -4.72
C LEU B 134 -7.27 -21.00 -4.92
N VAL B 135 -6.00 -21.31 -4.66
CA VAL B 135 -4.93 -20.34 -4.95
C VAL B 135 -4.86 -20.07 -6.44
N ALA B 136 -4.89 -21.14 -7.26
CA ALA B 136 -4.92 -21.02 -8.71
C ALA B 136 -6.11 -20.20 -9.19
N GLN B 137 -7.30 -20.42 -8.60
CA GLN B 137 -8.49 -19.68 -9.03
C GLN B 137 -8.34 -18.20 -8.72
N GLN B 138 -7.83 -17.86 -7.53
CA GLN B 138 -7.61 -16.46 -7.17
C GLN B 138 -6.62 -15.79 -8.12
N GLU B 139 -5.49 -16.45 -8.38
CA GLU B 139 -4.50 -15.85 -9.28
C GLU B 139 -5.04 -15.70 -10.68
N LYS B 140 -5.78 -16.70 -11.17
CA LYS B 140 -6.30 -16.65 -12.53
C LYS B 140 -7.34 -15.54 -12.66
N ALA B 141 -8.19 -15.36 -11.65
CA ALA B 141 -9.21 -14.32 -11.68
C ALA B 141 -8.58 -12.94 -11.82
N ALA B 142 -7.52 -12.68 -11.03
CA ALA B 142 -6.78 -11.43 -11.14
C ALA B 142 -6.17 -11.26 -12.52
N ALA B 143 -5.56 -12.33 -13.04
CA ALA B 143 -4.94 -12.21 -14.37
C ALA B 143 -5.98 -11.97 -15.46
N ASP B 144 -7.15 -12.59 -15.35
CA ASP B 144 -8.17 -12.39 -16.38
C ASP B 144 -8.62 -10.93 -16.47
N VAL B 145 -8.63 -10.18 -15.36
CA VAL B 145 -9.07 -8.78 -15.43
C VAL B 145 -7.89 -7.83 -15.52
N GLN B 146 -6.68 -8.34 -15.73
CA GLN B 146 -5.44 -7.57 -15.67
C GLN B 146 -5.45 -6.62 -14.47
N LEU B 147 -5.66 -7.22 -13.31
CA LEU B 147 -5.78 -6.44 -12.09
C LEU B 147 -4.46 -5.75 -11.77
N ARG B 148 -4.52 -4.45 -11.51
CA ARG B 148 -3.34 -3.69 -11.15
C ARG B 148 -3.39 -3.09 -9.75
N GLY B 149 -4.52 -3.17 -9.05
CA GLY B 149 -4.66 -2.49 -7.78
C GLY B 149 -5.84 -3.05 -7.00
N VAL B 150 -5.74 -2.95 -5.68
CA VAL B 150 -6.87 -3.26 -4.81
C VAL B 150 -7.14 -2.02 -3.98
N PRO B 151 -8.35 -1.86 -3.45
CA PRO B 151 -9.48 -2.79 -3.64
C PRO B 151 -10.04 -2.68 -5.04
N ALA B 152 -10.78 -3.71 -5.44
CA ALA B 152 -11.41 -3.72 -6.77
C ALA B 152 -12.66 -4.59 -6.70
N MET B 153 -13.67 -4.27 -7.50
CA MET B 153 -14.84 -5.15 -7.58
C MET B 153 -15.29 -5.21 -9.03
N PHE B 154 -15.73 -6.38 -9.49
CA PHE B 154 -16.15 -6.60 -10.86
C PHE B 154 -17.51 -7.27 -10.87
N VAL B 155 -18.36 -6.92 -11.84
CA VAL B 155 -19.69 -7.50 -11.93
C VAL B 155 -19.77 -8.29 -13.23
N ASN B 156 -20.10 -9.57 -13.10
CA ASN B 156 -20.29 -10.48 -14.22
C ASN B 156 -19.14 -10.41 -15.21
N GLY B 157 -17.94 -10.21 -14.71
CA GLY B 157 -16.78 -10.21 -15.58
C GLY B 157 -16.82 -9.15 -16.66
N LYS B 158 -17.68 -8.13 -16.51
CA LYS B 158 -17.86 -7.19 -17.61
C LYS B 158 -17.65 -5.75 -17.15
N TYR B 159 -17.99 -5.43 -15.92
CA TYR B 159 -17.92 -4.06 -15.42
C TYR B 159 -17.04 -3.97 -14.18
N GLN B 160 -16.30 -2.88 -14.07
CA GLN B 160 -15.42 -2.64 -12.94
C GLN B 160 -15.91 -1.43 -12.19
N LEU B 161 -16.08 -1.56 -10.88
CA LEU B 161 -16.56 -0.43 -10.08
C LEU B 161 -15.53 0.70 -10.13
N ASN B 162 -16.01 1.94 -10.15
CA ASN B 162 -15.10 3.08 -10.31
C ASN B 162 -15.38 4.04 -9.17
N PRO B 163 -14.94 3.72 -7.94
CA PRO B 163 -15.26 4.59 -6.81
C PRO B 163 -14.69 5.99 -6.98
N GLN B 164 -13.62 6.13 -7.74
CA GLN B 164 -13.05 7.44 -7.89
C GLN B 164 -13.99 8.37 -8.64
N GLY B 165 -14.91 7.81 -9.42
CA GLY B 165 -15.89 8.64 -10.07
C GLY B 165 -17.15 8.93 -9.28
N MET B 166 -17.29 8.40 -8.08
CA MET B 166 -18.51 8.66 -7.32
C MET B 166 -18.38 9.87 -6.40
N ASP B 167 -19.41 10.09 -5.59
CA ASP B 167 -19.52 11.25 -4.70
C ASP B 167 -18.76 10.91 -3.46
N THR B 168 -17.51 11.30 -3.44
CA THR B 168 -16.70 11.06 -2.28
C THR B 168 -16.78 12.18 -1.23
N SER B 169 -17.69 13.15 -1.41
CA SER B 169 -17.92 14.25 -0.46
C SER B 169 -18.72 13.85 0.76
N ASN B 170 -19.38 12.70 0.71
CA ASN B 170 -20.32 12.29 1.74
C ASN B 170 -20.23 10.78 1.80
N MET B 171 -19.65 10.25 2.88
CA MET B 171 -19.36 8.83 2.87
C MET B 171 -20.66 8.02 2.89
N ASP B 172 -21.69 8.47 3.59
CA ASP B 172 -22.91 7.68 3.63
C ASP B 172 -23.52 7.57 2.23
N VAL B 173 -23.54 8.68 1.51
CA VAL B 173 -24.06 8.65 0.14
C VAL B 173 -23.15 7.81 -0.75
N PHE B 174 -21.82 7.94 -0.57
CA PHE B 174 -20.86 7.18 -1.34
C PHE B 174 -21.06 5.67 -1.17
N VAL B 175 -21.20 5.20 0.08
CA VAL B 175 -21.38 3.78 0.33
C VAL B 175 -22.64 3.26 -0.37
N GLN B 176 -23.74 4.00 -0.29
CA GLN B 176 -24.94 3.50 -0.96
C GLN B 176 -24.83 3.65 -2.46
N GLN B 177 -24.08 4.65 -2.94
CA GLN B 177 -23.87 4.79 -4.39
C GLN B 177 -23.08 3.61 -4.91
N TYR B 178 -22.04 3.21 -4.18
CA TYR B 178 -21.29 2.00 -4.53
C TYR B 178 -22.20 0.78 -4.54
N ALA B 179 -23.00 0.59 -3.49
CA ALA B 179 -23.85 -0.60 -3.46
C ALA B 179 -24.93 -0.54 -4.53
N ASP B 180 -25.55 0.63 -4.71
CA ASP B 180 -26.54 0.79 -5.77
C ASP B 180 -25.95 0.57 -7.15
N THR B 181 -24.70 0.96 -7.36
CA THR B 181 -24.03 0.69 -8.64
C THR B 181 -23.85 -0.80 -8.84
N VAL B 182 -23.40 -1.52 -7.81
CA VAL B 182 -23.26 -2.98 -7.96
C VAL B 182 -24.62 -3.58 -8.30
N LYS B 183 -25.65 -3.16 -7.57
CA LYS B 183 -26.98 -3.71 -7.85
C LYS B 183 -27.40 -3.41 -9.30
N TYR B 184 -27.19 -2.17 -9.75
CA TYR B 184 -27.63 -1.78 -11.10
C TYR B 184 -26.90 -2.58 -12.16
N LEU B 185 -25.56 -2.68 -12.02
CA LEU B 185 -24.78 -3.46 -12.98
C LEU B 185 -25.17 -4.93 -12.96
N SER B 186 -25.55 -5.48 -11.81
CA SER B 186 -25.89 -6.89 -11.82
C SER B 186 -27.22 -7.14 -12.54
N GLU B 187 -28.09 -6.12 -12.63
CA GLU B 187 -29.38 -6.24 -13.31
C GLU B 187 -29.26 -5.92 -14.79
N LYS B 188 -28.08 -5.50 -15.23
CA LYS B 188 -27.81 -5.20 -16.62
C LYS B 188 -27.87 -6.47 -17.45
#